data_4MTW
#
_entry.id   4MTW
#
_cell.length_a   92.563
_cell.length_b   92.563
_cell.length_c   131.113
_cell.angle_alpha   90.00
_cell.angle_beta   90.00
_cell.angle_gamma   120.00
#
_symmetry.space_group_name_H-M   'P 61 2 2'
#
loop_
_entity.id
_entity.type
_entity.pdbx_description
1 polymer Thermolysin
2 non-polymer 'ZINC ION'
3 non-polymer 'CALCIUM ION'
4 non-polymer GLYCEROL
5 non-polymer 'DIMETHYL SULFOXIDE'
6 non-polymer 'P-((((benzyloxy)carbonyl)amino)methyl)-N-((S)-1-(isobutylamino)-4-methyl-1-oxopentan-2-yl)phosphonamidic acid'
7 water water
#
_entity_poly.entity_id   1
_entity_poly.type   'polypeptide(L)'
_entity_poly.pdbx_seq_one_letter_code
;ITGTSTVGVGRGVLGDQKNINTTYSTYYYLQDNTRGNGIFTYDAKYRTTLPGSLWADADNQFFASYDAPAVDAHYYAGVT
YDYYKNVHNRLSYDGNNAAIRSSVHYSQGYNNAFWNGSQMVYGDGDGQTFIPLSGGIDVVAHELTHAVTDYTAGLIYQNE
SGAINEAISDIFGTLVEFYANKNPDWEIGEDVYTPGISGDSLRSMSDPAKYGDPDHYSKRYTGTQDNGGVHINSGIINKA
AYLISQGGTHYGVSVVGIGRDKLGKIFYRALTQYLTPTSNFSQLRAAAVQSATDLYGSTSQEVASVKQAFDAVGVK
;
_entity_poly.pdbx_strand_id   E
#
loop_
_chem_comp.id
_chem_comp.type
_chem_comp.name
_chem_comp.formula
2G7 non-polymer 'P-((((benzyloxy)carbonyl)amino)methyl)-N-((S)-1-(isobutylamino)-4-methyl-1-oxopentan-2-yl)phosphonamidic acid' 'C19 H32 N3 O5 P'
CA non-polymer 'CALCIUM ION' 'Ca 2'
DMS non-polymer 'DIMETHYL SULFOXIDE' 'C2 H6 O S'
GOL non-polymer GLYCEROL 'C3 H8 O3'
ZN non-polymer 'ZINC ION' 'Zn 2'
#
# COMPACT_ATOMS: atom_id res chain seq x y z
N ILE A 1 2.85 -7.43 24.59
CA ILE A 1 3.02 -8.13 25.85
CA ILE A 1 3.01 -8.21 25.81
C ILE A 1 4.49 -8.47 26.10
N THR A 2 4.83 -8.71 27.36
CA THR A 2 6.19 -9.04 27.73
C THR A 2 6.42 -10.53 27.53
N GLY A 3 7.49 -10.87 26.80
CA GLY A 3 7.77 -12.26 26.53
C GLY A 3 9.08 -12.39 25.80
N THR A 4 9.32 -13.56 25.23
CA THR A 4 10.57 -13.76 24.49
C THR A 4 10.25 -13.92 23.00
N SER A 5 11.13 -13.36 22.17
CA SER A 5 10.93 -13.41 20.73
C SER A 5 11.10 -14.83 20.20
N THR A 6 10.16 -15.24 19.37
CA THR A 6 10.12 -16.59 18.84
C THR A 6 9.82 -16.54 17.34
N VAL A 7 9.93 -17.68 16.67
CA VAL A 7 9.69 -17.74 15.24
C VAL A 7 8.69 -18.85 14.94
N GLY A 8 7.51 -18.45 14.52
CA GLY A 8 6.47 -19.40 14.15
C GLY A 8 6.50 -19.67 12.66
N VAL A 9 5.67 -20.63 12.23
CA VAL A 9 5.57 -20.94 10.82
CA VAL A 9 5.58 -21.01 10.83
C VAL A 9 4.10 -21.15 10.50
N GLY A 10 3.71 -20.77 9.30
CA GLY A 10 2.32 -20.92 8.91
C GLY A 10 2.14 -20.75 7.43
N ARG A 11 0.86 -20.68 7.04
CA ARG A 11 0.48 -20.56 5.64
CA ARG A 11 0.51 -20.54 5.63
C ARG A 11 -0.37 -19.31 5.44
N GLY A 12 -0.08 -18.54 4.40
CA GLY A 12 -0.85 -17.35 4.11
C GLY A 12 -2.10 -17.63 3.29
N VAL A 13 -2.80 -16.57 2.92
CA VAL A 13 -4.06 -16.64 2.20
C VAL A 13 -3.96 -17.44 0.89
N LEU A 14 -2.84 -17.32 0.19
CA LEU A 14 -2.65 -17.99 -1.09
CA LEU A 14 -2.65 -17.99 -1.09
C LEU A 14 -2.03 -19.38 -0.95
N GLY A 15 -1.86 -19.85 0.29
CA GLY A 15 -1.38 -21.21 0.50
C GLY A 15 0.12 -21.35 0.62
N ASP A 16 0.83 -20.22 0.68
CA ASP A 16 2.28 -20.24 0.75
C ASP A 16 2.80 -20.29 2.19
N GLN A 17 3.83 -21.08 2.44
CA GLN A 17 4.42 -21.19 3.77
C GLN A 17 5.39 -20.05 4.05
N LYS A 18 5.32 -19.47 5.24
CA LYS A 18 6.31 -18.48 5.62
C LYS A 18 6.56 -18.50 7.12
N ASN A 19 7.72 -18.02 7.52
CA ASN A 19 8.04 -17.85 8.93
C ASN A 19 7.53 -16.50 9.40
N ILE A 20 7.07 -16.45 10.65
CA ILE A 20 6.60 -15.20 11.22
CA ILE A 20 6.63 -15.18 11.21
C ILE A 20 7.22 -14.97 12.60
N ASN A 21 7.50 -13.71 12.91
CA ASN A 21 8.05 -13.35 14.20
C ASN A 21 6.94 -13.26 15.24
N THR A 22 7.09 -14.04 16.30
CA THR A 22 6.07 -14.10 17.34
C THR A 22 6.70 -13.81 18.71
N THR A 23 5.86 -13.79 19.75
CA THR A 23 6.31 -13.59 21.12
C THR A 23 5.69 -14.64 22.01
N TYR A 24 6.51 -15.32 22.82
CA TYR A 24 6.00 -16.36 23.69
C TYR A 24 5.86 -15.87 25.12
N SER A 25 4.65 -16.01 25.66
CA SER A 25 4.37 -15.85 27.07
C SER A 25 3.05 -16.59 27.31
N THR A 26 3.17 -17.86 27.74
CA THR A 26 2.07 -18.82 27.85
C THR A 26 1.54 -19.22 26.48
N TYR A 27 1.08 -18.25 25.71
CA TYR A 27 0.72 -18.44 24.31
C TYR A 27 1.79 -17.84 23.41
N TYR A 28 1.73 -18.19 22.14
CA TYR A 28 2.51 -17.52 21.11
C TYR A 28 1.65 -16.44 20.47
N TYR A 29 2.09 -15.19 20.55
CA TYR A 29 1.33 -14.07 20.04
C TYR A 29 1.90 -13.55 18.73
N LEU A 30 1.04 -13.03 17.85
CA LEU A 30 1.52 -12.34 16.66
C LEU A 30 2.02 -10.96 17.06
N GLN A 31 3.23 -10.96 17.60
CA GLN A 31 3.92 -9.76 18.04
C GLN A 31 5.37 -9.94 17.62
N ASP A 32 5.78 -9.13 16.65
CA ASP A 32 7.11 -9.17 16.07
C ASP A 32 7.95 -8.09 16.75
N ASN A 33 8.90 -8.50 17.59
CA ASN A 33 9.75 -7.56 18.31
C ASN A 33 10.98 -7.14 17.54
N THR A 34 11.15 -7.68 16.34
CA THR A 34 12.40 -7.46 15.60
C THR A 34 12.41 -6.16 14.83
N ARG A 35 11.25 -5.51 14.74
CA ARG A 35 11.11 -4.30 13.95
C ARG A 35 10.55 -3.18 14.80
N GLY A 36 11.34 -2.12 14.97
CA GLY A 36 10.91 -0.95 15.70
C GLY A 36 10.38 -1.28 17.09
N ASN A 37 9.24 -0.69 17.43
CA ASN A 37 8.60 -0.98 18.71
C ASN A 37 7.48 -2.00 18.55
N GLY A 38 7.63 -2.84 17.52
CA GLY A 38 6.80 -4.02 17.36
C GLY A 38 5.78 -3.91 16.25
N ILE A 39 5.43 -5.09 15.72
CA ILE A 39 4.30 -5.24 14.82
C ILE A 39 3.35 -6.20 15.52
N PHE A 40 2.08 -5.79 15.64
CA PHE A 40 1.08 -6.51 16.43
C PHE A 40 -0.12 -6.79 15.54
N THR A 41 -0.54 -8.06 15.51
CA THR A 41 -1.70 -8.46 14.71
C THR A 41 -2.80 -9.03 15.60
N TYR A 42 -4.03 -8.58 15.36
CA TYR A 42 -5.18 -8.81 16.22
C TYR A 42 -6.30 -9.54 15.45
N ASP A 43 -7.12 -10.27 16.21
CA ASP A 43 -8.30 -10.95 15.70
C ASP A 43 -9.55 -10.11 15.99
N ALA A 44 -10.22 -9.63 14.96
CA ALA A 44 -11.49 -8.91 15.14
C ALA A 44 -12.70 -9.84 15.20
N LYS A 45 -12.50 -11.14 14.93
CA LYS A 45 -13.52 -12.17 15.20
C LYS A 45 -14.86 -11.94 14.50
N TYR A 46 -14.80 -11.42 13.28
CA TYR A 46 -15.97 -11.13 12.45
C TYR A 46 -16.80 -9.96 12.95
N ARG A 47 -16.31 -9.27 13.98
CA ARG A 47 -17.03 -8.12 14.49
C ARG A 47 -16.32 -6.82 14.10
N THR A 48 -16.82 -5.69 14.58
CA THR A 48 -16.32 -4.40 14.12
C THR A 48 -15.74 -3.57 15.26
N THR A 49 -15.63 -4.19 16.44
CA THR A 49 -14.95 -3.54 17.54
CA THR A 49 -14.94 -3.58 17.57
C THR A 49 -13.44 -3.73 17.37
N LEU A 50 -12.70 -2.64 17.50
CA LEU A 50 -11.27 -2.65 17.21
C LEU A 50 -10.43 -2.26 18.42
N PRO A 51 -9.22 -2.83 18.54
CA PRO A 51 -8.58 -3.73 17.57
C PRO A 51 -9.03 -5.18 17.68
N GLY A 52 -9.76 -5.54 18.74
CA GLY A 52 -10.01 -6.95 19.01
C GLY A 52 -8.93 -7.48 19.92
N SER A 53 -8.64 -8.77 19.83
CA SER A 53 -7.68 -9.42 20.72
CA SER A 53 -7.66 -9.35 20.74
C SER A 53 -6.35 -9.69 20.05
N LEU A 54 -5.25 -9.43 20.74
CA LEU A 54 -3.94 -9.73 20.19
C LEU A 54 -3.90 -11.21 19.86
N TRP A 55 -3.47 -11.54 18.64
CA TRP A 55 -3.62 -12.91 18.15
C TRP A 55 -2.79 -13.89 18.97
N ALA A 56 -3.48 -14.86 19.59
CA ALA A 56 -2.85 -15.85 20.45
C ALA A 56 -2.98 -17.24 19.83
N ASP A 57 -1.90 -18.02 19.91
CA ASP A 57 -1.87 -19.35 19.33
C ASP A 57 -1.13 -20.29 20.29
N ALA A 58 -1.64 -21.51 20.44
CA ALA A 58 -1.09 -22.41 21.43
C ALA A 58 0.29 -22.99 21.06
N ASP A 59 0.55 -23.22 19.76
CA ASP A 59 1.72 -24.00 19.38
C ASP A 59 2.71 -23.33 18.42
N ASN A 60 2.47 -22.07 18.06
CA ASN A 60 3.37 -21.33 17.17
C ASN A 60 3.33 -21.82 15.72
N GLN A 61 2.30 -22.62 15.40
CA GLN A 61 2.06 -23.11 14.05
CA GLN A 61 2.07 -23.09 14.04
C GLN A 61 0.76 -22.50 13.55
N PHE A 62 0.79 -21.90 12.37
CA PHE A 62 -0.34 -21.12 11.88
C PHE A 62 -0.81 -21.62 10.51
N PHE A 63 -1.28 -22.87 10.49
CA PHE A 63 -1.68 -23.51 9.25
C PHE A 63 -3.20 -23.67 9.09
N ALA A 64 -3.97 -23.17 10.04
CA ALA A 64 -5.42 -23.27 9.95
C ALA A 64 -5.93 -22.24 8.96
N SER A 65 -7.04 -22.54 8.28
CA SER A 65 -7.63 -21.57 7.36
CA SER A 65 -7.61 -21.57 7.36
C SER A 65 -7.88 -20.22 8.05
N TYR A 66 -8.36 -20.27 9.29
CA TYR A 66 -8.66 -19.05 10.05
C TYR A 66 -7.39 -18.22 10.31
N ASP A 67 -6.25 -18.89 10.34
CA ASP A 67 -4.96 -18.22 10.61
C ASP A 67 -4.44 -17.42 9.43
N ALA A 68 -4.81 -17.82 8.21
CA ALA A 68 -4.14 -17.32 7.02
C ALA A 68 -4.13 -15.79 6.85
N PRO A 69 -5.27 -15.12 7.06
CA PRO A 69 -5.22 -13.66 6.92
C PRO A 69 -4.33 -12.99 7.97
N ALA A 70 -4.22 -13.58 9.15
CA ALA A 70 -3.36 -13.04 10.18
C ALA A 70 -1.89 -13.21 9.81
N VAL A 71 -1.53 -14.39 9.33
CA VAL A 71 -0.16 -14.65 8.89
C VAL A 71 0.29 -13.59 7.90
N ASP A 72 -0.55 -13.32 6.90
CA ASP A 72 -0.17 -12.40 5.83
C ASP A 72 -0.17 -10.94 6.28
N ALA A 73 -1.16 -10.52 7.07
CA ALA A 73 -1.14 -9.15 7.58
C ALA A 73 0.14 -8.89 8.37
N HIS A 74 0.51 -9.86 9.19
CA HIS A 74 1.67 -9.76 10.07
C HIS A 74 2.96 -9.74 9.24
N TYR A 75 3.09 -10.71 8.34
CA TYR A 75 4.28 -10.84 7.51
C TYR A 75 4.47 -9.67 6.54
N TYR A 76 3.41 -9.27 5.84
CA TYR A 76 3.52 -8.19 4.88
C TYR A 76 3.71 -6.82 5.55
N ALA A 77 3.21 -6.67 6.78
CA ALA A 77 3.55 -5.46 7.54
C ALA A 77 5.07 -5.40 7.78
N GLY A 78 5.68 -6.55 8.08
CA GLY A 78 7.12 -6.63 8.25
C GLY A 78 7.87 -6.24 6.98
N VAL A 79 7.42 -6.75 5.83
CA VAL A 79 8.07 -6.41 4.57
C VAL A 79 7.97 -4.90 4.30
N THR A 80 6.80 -4.34 4.58
CA THR A 80 6.57 -2.92 4.34
C THR A 80 7.44 -2.07 5.27
N TYR A 81 7.54 -2.47 6.54
CA TYR A 81 8.44 -1.82 7.48
C TYR A 81 9.87 -1.84 6.92
N ASP A 82 10.30 -3.00 6.43
CA ASP A 82 11.66 -3.15 5.89
C ASP A 82 11.88 -2.24 4.69
N TYR A 83 10.89 -2.15 3.82
CA TYR A 83 11.00 -1.27 2.67
C TYR A 83 11.24 0.17 3.11
N TYR A 84 10.38 0.68 3.98
CA TYR A 84 10.54 2.08 4.39
C TYR A 84 11.86 2.32 5.13
N LYS A 85 12.28 1.40 5.97
CA LYS A 85 13.54 1.57 6.70
C LYS A 85 14.76 1.47 5.78
N ASN A 86 14.80 0.40 4.98
CA ASN A 86 15.98 0.11 4.17
C ASN A 86 16.11 1.03 2.95
N VAL A 87 14.99 1.41 2.36
CA VAL A 87 15.00 2.20 1.14
C VAL A 87 14.95 3.70 1.42
N HIS A 88 14.16 4.10 2.42
CA HIS A 88 13.95 5.54 2.65
C HIS A 88 14.44 6.02 4.01
N ASN A 89 15.08 5.14 4.77
CA ASN A 89 15.56 5.48 6.11
C ASN A 89 14.44 6.03 6.99
N ARG A 90 13.24 5.48 6.82
CA ARG A 90 12.10 5.87 7.64
C ARG A 90 11.75 4.76 8.61
N LEU A 91 11.66 5.10 9.89
CA LEU A 91 11.39 4.13 10.93
C LEU A 91 9.89 4.10 11.29
N SER A 92 9.19 3.11 10.75
CA SER A 92 7.74 2.99 10.89
C SER A 92 6.99 4.18 10.27
N TYR A 93 5.68 4.23 10.48
CA TYR A 93 4.88 5.22 9.77
C TYR A 93 5.07 6.62 10.29
N ASP A 94 5.41 6.76 11.56
CA ASP A 94 5.62 8.09 12.15
C ASP A 94 7.07 8.56 12.12
N GLY A 95 7.98 7.72 11.61
CA GLY A 95 9.40 8.08 11.59
C GLY A 95 10.09 7.87 12.92
N ASN A 96 9.36 7.40 13.94
CA ASN A 96 9.92 7.18 15.27
C ASN A 96 9.57 5.79 15.80
N ASN A 97 9.42 4.84 14.90
CA ASN A 97 9.20 3.44 15.27
C ASN A 97 7.90 3.19 16.02
N ALA A 98 6.83 3.93 15.70
CA ALA A 98 5.51 3.60 16.27
C ALA A 98 5.17 2.13 16.07
N ALA A 99 4.56 1.52 17.09
CA ALA A 99 4.03 0.18 16.97
C ALA A 99 3.04 0.11 15.81
N ILE A 100 3.15 -0.94 15.01
CA ILE A 100 2.26 -1.13 13.87
C ILE A 100 1.21 -2.18 14.22
N ARG A 101 -0.06 -1.79 14.18
CA ARG A 101 -1.15 -2.66 14.59
C ARG A 101 -2.09 -2.95 13.44
N SER A 102 -2.49 -4.21 13.29
CA SER A 102 -3.45 -4.63 12.27
C SER A 102 -4.48 -5.55 12.86
N SER A 103 -5.72 -5.42 12.41
CA SER A 103 -6.76 -6.39 12.75
C SER A 103 -7.27 -7.09 11.50
N VAL A 104 -7.45 -8.41 11.59
CA VAL A 104 -8.01 -9.20 10.49
C VAL A 104 -9.34 -9.83 10.93
N HIS A 105 -10.02 -10.47 10.00
CA HIS A 105 -11.39 -10.95 10.21
C HIS A 105 -12.30 -9.84 10.68
N TYR A 106 -12.15 -8.66 10.09
CA TYR A 106 -13.04 -7.54 10.39
C TYR A 106 -14.39 -7.70 9.71
N SER A 107 -15.46 -7.66 10.51
CA SER A 107 -16.84 -7.75 10.02
C SER A 107 -17.10 -9.07 9.29
N GLN A 108 -18.18 -9.11 8.50
CA GLN A 108 -18.54 -10.31 7.74
C GLN A 108 -18.65 -9.98 6.27
N GLY A 109 -18.00 -10.77 5.42
CA GLY A 109 -18.04 -10.56 3.98
C GLY A 109 -17.55 -9.20 3.54
N TYR A 110 -16.57 -8.66 4.27
CA TYR A 110 -16.20 -7.26 4.14
C TYR A 110 -15.19 -7.05 3.01
N ASN A 111 -15.64 -6.37 1.94
CA ASN A 111 -14.87 -6.21 0.72
C ASN A 111 -14.02 -4.96 0.72
N ASN A 112 -13.21 -4.81 1.76
CA ASN A 112 -12.35 -3.62 1.84
C ASN A 112 -11.31 -3.79 2.93
N ALA A 113 -10.39 -2.83 2.98
CA ALA A 113 -9.37 -2.75 4.00
C ALA A 113 -9.12 -1.26 4.19
N PHE A 114 -8.67 -0.84 5.37
CA PHE A 114 -8.49 0.59 5.62
C PHE A 114 -7.53 0.87 6.78
N TRP A 115 -7.05 2.10 6.82
CA TRP A 115 -6.36 2.65 7.99
C TRP A 115 -7.39 3.50 8.73
N ASN A 116 -7.63 3.21 10.01
CA ASN A 116 -8.72 3.89 10.72
C ASN A 116 -8.28 5.13 11.50
N GLY A 117 -7.06 5.60 11.22
CA GLY A 117 -6.46 6.69 11.96
C GLY A 117 -5.42 6.21 12.98
N SER A 118 -5.48 4.93 13.33
CA SER A 118 -4.62 4.36 14.37
C SER A 118 -4.05 2.99 14.04
N GLN A 119 -4.69 2.28 13.10
CA GLN A 119 -4.31 0.89 12.82
C GLN A 119 -4.84 0.48 11.45
N MET A 120 -4.29 -0.62 10.93
CA MET A 120 -4.80 -1.24 9.70
C MET A 120 -5.91 -2.22 10.03
N VAL A 121 -6.86 -2.34 9.11
CA VAL A 121 -8.04 -3.18 9.29
C VAL A 121 -8.32 -3.92 7.98
N TYR A 122 -8.48 -5.24 8.05
CA TYR A 122 -8.71 -6.05 6.84
C TYR A 122 -9.97 -6.88 6.91
N GLY A 123 -10.84 -6.71 5.92
CA GLY A 123 -11.95 -7.63 5.75
C GLY A 123 -11.50 -8.97 5.21
N ASP A 124 -12.39 -9.96 5.29
CA ASP A 124 -12.15 -11.26 4.69
C ASP A 124 -12.64 -11.33 3.24
N GLY A 125 -13.36 -10.30 2.79
CA GLY A 125 -14.04 -10.37 1.51
C GLY A 125 -15.24 -11.30 1.56
N ASP A 126 -16.05 -11.29 0.51
CA ASP A 126 -17.22 -12.17 0.47
C ASP A 126 -16.95 -13.44 -0.33
N GLY A 127 -15.71 -13.62 -0.75
CA GLY A 127 -15.35 -14.79 -1.53
C GLY A 127 -15.64 -14.65 -3.02
N GLN A 128 -16.29 -13.56 -3.40
CA GLN A 128 -16.64 -13.30 -4.79
C GLN A 128 -15.87 -12.11 -5.34
N THR A 129 -16.03 -10.96 -4.68
CA THR A 129 -15.28 -9.77 -5.07
C THR A 129 -13.85 -9.82 -4.51
N PHE A 130 -13.69 -10.26 -3.26
CA PHE A 130 -12.37 -10.41 -2.64
C PHE A 130 -12.29 -11.69 -1.83
N ILE A 131 -11.07 -12.21 -1.72
CA ILE A 131 -10.69 -13.14 -0.65
C ILE A 131 -9.98 -12.28 0.43
N PRO A 132 -9.57 -12.87 1.57
CA PRO A 132 -9.07 -11.96 2.62
C PRO A 132 -7.97 -11.01 2.16
N LEU A 133 -8.17 -9.72 2.42
CA LEU A 133 -7.44 -8.71 1.66
C LEU A 133 -5.97 -8.58 2.03
N SER A 134 -5.61 -9.05 3.22
CA SER A 134 -4.20 -9.05 3.64
C SER A 134 -3.36 -10.03 2.82
N GLY A 135 -4.00 -10.84 1.98
CA GLY A 135 -3.27 -11.72 1.08
C GLY A 135 -2.52 -10.99 -0.02
N GLY A 136 -2.81 -9.70 -0.21
CA GLY A 136 -2.13 -8.89 -1.20
C GLY A 136 -1.05 -8.02 -0.58
N ILE A 137 0.21 -8.24 -0.94
CA ILE A 137 1.28 -7.42 -0.39
C ILE A 137 1.09 -5.95 -0.79
N ASP A 138 0.64 -5.70 -2.03
CA ASP A 138 0.36 -4.33 -2.43
C ASP A 138 -0.76 -3.70 -1.61
N VAL A 139 -1.74 -4.52 -1.20
CA VAL A 139 -2.83 -4.03 -0.35
C VAL A 139 -2.31 -3.64 1.04
N VAL A 140 -1.54 -4.53 1.65
CA VAL A 140 -0.99 -4.24 2.97
C VAL A 140 -0.13 -2.98 2.94
N ALA A 141 0.76 -2.88 1.96
CA ALA A 141 1.59 -1.69 1.82
C ALA A 141 0.78 -0.44 1.49
N HIS A 142 -0.28 -0.59 0.71
CA HIS A 142 -1.22 0.52 0.44
C HIS A 142 -1.78 1.06 1.76
N GLU A 143 -2.21 0.15 2.64
CA GLU A 143 -2.81 0.58 3.91
C GLU A 143 -1.80 1.24 4.82
N LEU A 144 -0.62 0.64 4.98
CA LEU A 144 0.39 1.24 5.87
C LEU A 144 0.84 2.58 5.30
N THR A 145 0.84 2.71 3.98
CA THR A 145 1.22 3.97 3.36
C THR A 145 0.22 5.10 3.70
N HIS A 146 -1.05 4.77 3.89
CA HIS A 146 -1.99 5.79 4.36
C HIS A 146 -1.52 6.38 5.70
N ALA A 147 -1.00 5.53 6.59
CA ALA A 147 -0.45 6.04 7.86
C ALA A 147 0.75 6.96 7.62
N VAL A 148 1.63 6.57 6.71
CA VAL A 148 2.78 7.41 6.37
C VAL A 148 2.32 8.77 5.85
N THR A 149 1.38 8.76 4.92
CA THR A 149 0.83 10.00 4.39
C THR A 149 0.22 10.85 5.51
N ASP A 150 -0.57 10.23 6.37
CA ASP A 150 -1.22 10.99 7.43
C ASP A 150 -0.24 11.65 8.39
N TYR A 151 0.91 11.03 8.60
CA TYR A 151 1.94 11.59 9.47
C TYR A 151 2.85 12.60 8.78
N THR A 152 2.75 12.70 7.45
CA THR A 152 3.65 13.55 6.68
C THR A 152 2.84 14.61 5.94
N ALA A 153 2.59 14.40 4.64
CA ALA A 153 1.86 15.42 3.86
C ALA A 153 0.48 15.72 4.44
N GLY A 154 -0.21 14.69 4.93
CA GLY A 154 -1.51 14.87 5.54
C GLY A 154 -2.61 15.17 4.54
N LEU A 155 -2.43 14.71 3.31
CA LEU A 155 -3.38 14.94 2.23
C LEU A 155 -4.83 14.64 2.63
N ILE A 156 -5.67 15.66 2.56
CA ILE A 156 -7.09 15.56 2.91
C ILE A 156 -7.76 14.54 1.98
N TYR A 157 -8.59 13.66 2.54
CA TYR A 157 -9.12 12.52 1.78
C TYR A 157 -10.35 12.86 0.95
N GLN A 158 -10.21 13.84 0.08
CA GLN A 158 -11.29 14.15 -0.86
C GLN A 158 -10.74 14.91 -2.03
N ASN A 159 -11.45 14.83 -3.15
CA ASN A 159 -11.09 15.57 -4.35
C ASN A 159 -9.62 15.35 -4.78
N GLU A 160 -8.93 16.38 -5.26
CA GLU A 160 -7.60 16.13 -5.81
C GLU A 160 -6.57 15.70 -4.76
N SER A 161 -6.55 16.34 -3.60
CA SER A 161 -5.63 15.90 -2.56
C SER A 161 -5.89 14.44 -2.17
N GLY A 162 -7.17 14.04 -2.17
CA GLY A 162 -7.52 12.68 -1.80
C GLY A 162 -7.11 11.68 -2.88
N ALA A 163 -7.20 12.09 -4.14
CA ALA A 163 -6.73 11.25 -5.23
C ALA A 163 -5.20 11.09 -5.20
N ILE A 164 -4.49 12.15 -4.80
CA ILE A 164 -3.04 12.03 -4.60
C ILE A 164 -2.75 11.08 -3.45
N ASN A 165 -3.50 11.23 -2.35
CA ASN A 165 -3.39 10.34 -1.21
C ASN A 165 -3.52 8.87 -1.66
N GLU A 166 -4.56 8.59 -2.43
CA GLU A 166 -4.77 7.25 -2.96
C GLU A 166 -3.63 6.78 -3.85
N ALA A 167 -3.20 7.63 -4.78
CA ALA A 167 -2.12 7.27 -5.68
C ALA A 167 -0.82 7.00 -4.94
N ILE A 168 -0.51 7.78 -3.90
CA ILE A 168 0.68 7.55 -3.10
C ILE A 168 0.62 6.14 -2.50
N SER A 169 -0.54 5.76 -1.98
CA SER A 169 -0.71 4.40 -1.46
C SER A 169 -0.58 3.31 -2.54
N ASP A 170 -1.10 3.57 -3.74
CA ASP A 170 -0.93 2.59 -4.83
C ASP A 170 0.52 2.52 -5.31
N ILE A 171 1.18 3.67 -5.40
CA ILE A 171 2.57 3.74 -5.83
C ILE A 171 3.48 2.97 -4.86
N PHE A 172 3.40 3.30 -3.58
CA PHE A 172 4.25 2.60 -2.62
C PHE A 172 3.81 1.16 -2.39
N GLY A 173 2.51 0.89 -2.53
CA GLY A 173 2.05 -0.49 -2.49
C GLY A 173 2.76 -1.31 -3.56
N THR A 174 2.82 -0.75 -4.76
CA THR A 174 3.48 -1.39 -5.89
C THR A 174 5.01 -1.48 -5.70
N LEU A 175 5.61 -0.42 -5.19
CA LEU A 175 7.05 -0.47 -4.98
C LEU A 175 7.42 -1.50 -3.90
N VAL A 176 6.59 -1.64 -2.87
CA VAL A 176 6.81 -2.70 -1.90
C VAL A 176 6.65 -4.08 -2.54
N GLU A 177 5.64 -4.24 -3.40
CA GLU A 177 5.46 -5.49 -4.13
C GLU A 177 6.71 -5.83 -4.95
N PHE A 178 7.27 -4.84 -5.64
CA PHE A 178 8.52 -5.08 -6.36
C PHE A 178 9.69 -5.39 -5.42
N TYR A 179 9.73 -4.72 -4.26
CA TYR A 179 10.77 -4.96 -3.27
C TYR A 179 10.78 -6.41 -2.80
N ALA A 180 9.61 -6.98 -2.56
CA ALA A 180 9.51 -8.38 -2.15
C ALA A 180 9.82 -9.30 -3.34
N ASN A 181 9.53 -8.81 -4.54
CA ASN A 181 9.88 -9.48 -5.79
C ASN A 181 9.24 -10.85 -6.02
N LYS A 182 7.98 -10.99 -5.64
CA LYS A 182 7.20 -12.17 -5.98
C LYS A 182 6.01 -11.77 -6.86
N ASN A 183 6.04 -12.21 -8.11
CA ASN A 183 5.03 -11.83 -9.11
C ASN A 183 4.71 -10.33 -9.13
N PRO A 184 5.75 -9.47 -9.19
CA PRO A 184 5.40 -8.05 -9.11
C PRO A 184 4.82 -7.52 -10.41
N ASP A 185 3.98 -6.51 -10.30
CA ASP A 185 3.35 -5.90 -11.45
C ASP A 185 2.92 -4.50 -11.09
N TRP A 186 2.32 -3.80 -12.06
CA TRP A 186 1.80 -2.46 -11.84
C TRP A 186 0.27 -2.46 -11.72
N GLU A 187 -0.25 -3.60 -11.27
CA GLU A 187 -1.69 -3.74 -10.99
C GLU A 187 -1.89 -3.68 -9.49
N ILE A 188 -3.11 -3.34 -9.07
CA ILE A 188 -3.40 -3.24 -7.65
C ILE A 188 -4.40 -4.32 -7.21
N GLY A 189 -3.99 -5.14 -6.26
CA GLY A 189 -4.91 -6.05 -5.59
C GLY A 189 -5.20 -7.34 -6.33
N GLU A 190 -4.45 -7.61 -7.40
CA GLU A 190 -4.67 -8.78 -8.24
C GLU A 190 -4.65 -10.11 -7.47
N ASP A 191 -3.89 -10.19 -6.38
CA ASP A 191 -3.76 -11.46 -5.67
C ASP A 191 -4.99 -11.82 -4.85
N VAL A 192 -5.84 -10.83 -4.54
CA VAL A 192 -6.99 -11.08 -3.68
C VAL A 192 -8.32 -10.70 -4.30
N TYR A 193 -8.28 -10.11 -5.49
CA TYR A 193 -9.48 -9.65 -6.18
C TYR A 193 -10.09 -10.75 -7.06
N THR A 194 -11.41 -10.89 -6.99
CA THR A 194 -12.20 -11.79 -7.85
C THR A 194 -11.55 -13.14 -8.10
N PRO A 195 -11.59 -14.04 -7.11
CA PRO A 195 -10.96 -15.35 -7.27
C PRO A 195 -11.51 -16.16 -8.44
N GLY A 196 -12.72 -15.86 -8.88
CA GLY A 196 -13.31 -16.56 -10.01
C GLY A 196 -12.94 -16.02 -11.37
N ILE A 197 -12.17 -14.93 -11.40
CA ILE A 197 -11.77 -14.30 -12.65
C ILE A 197 -10.26 -14.11 -12.69
N SER A 198 -9.60 -14.77 -13.63
CA SER A 198 -8.15 -14.67 -13.76
CA SER A 198 -8.15 -14.66 -13.73
C SER A 198 -7.74 -13.45 -14.56
N GLY A 199 -6.58 -12.88 -14.22
CA GLY A 199 -6.00 -11.85 -15.04
C GLY A 199 -6.48 -10.43 -14.82
N ASP A 200 -7.41 -10.23 -13.89
CA ASP A 200 -7.90 -8.89 -13.62
C ASP A 200 -7.32 -8.32 -12.32
N SER A 201 -7.77 -7.13 -11.94
CA SER A 201 -7.29 -6.48 -10.74
CA SER A 201 -7.24 -6.42 -10.78
C SER A 201 -8.27 -5.38 -10.38
N LEU A 202 -8.07 -4.77 -9.21
CA LEU A 202 -8.95 -3.70 -8.75
C LEU A 202 -8.67 -2.42 -9.52
N ARG A 203 -7.38 -2.10 -9.67
CA ARG A 203 -6.94 -0.97 -10.49
C ARG A 203 -5.71 -1.37 -11.27
N SER A 204 -5.43 -0.63 -12.32
CA SER A 204 -4.19 -0.79 -13.06
C SER A 204 -3.49 0.56 -13.07
N MET A 205 -2.21 0.58 -12.74
CA MET A 205 -1.41 1.80 -12.87
C MET A 205 -0.91 1.99 -14.29
N SER A 206 -0.62 0.88 -14.98
CA SER A 206 -0.08 0.95 -16.33
C SER A 206 -1.14 1.35 -17.33
N ASP A 207 -2.38 0.96 -17.09
CA ASP A 207 -3.49 1.36 -17.94
C ASP A 207 -4.76 1.49 -17.10
N PRO A 208 -4.92 2.62 -16.39
CA PRO A 208 -6.08 2.78 -15.50
C PRO A 208 -7.41 2.64 -16.22
N ALA A 209 -7.44 2.99 -17.50
CA ALA A 209 -8.68 2.98 -18.25
C ALA A 209 -9.25 1.58 -18.47
N LYS A 210 -8.44 0.55 -18.27
CA LYS A 210 -8.94 -0.80 -18.47
C LYS A 210 -10.06 -1.12 -17.48
N TYR A 211 -10.12 -0.38 -16.37
CA TYR A 211 -11.18 -0.53 -15.39
C TYR A 211 -12.03 0.73 -15.28
N GLY A 212 -11.93 1.59 -16.29
CA GLY A 212 -12.74 2.78 -16.35
C GLY A 212 -12.23 3.96 -15.54
N ASP A 213 -11.00 3.86 -15.03
CA ASP A 213 -10.41 4.98 -14.32
C ASP A 213 -9.68 5.90 -15.31
N PRO A 214 -9.71 7.20 -15.04
CA PRO A 214 -9.10 8.17 -15.98
C PRO A 214 -7.58 8.04 -16.04
N ASP A 215 -7.04 8.29 -17.23
CA ASP A 215 -5.59 8.28 -17.45
C ASP A 215 -5.14 9.62 -18.02
N HIS A 216 -6.00 10.63 -17.87
CA HIS A 216 -5.72 11.97 -18.35
C HIS A 216 -6.61 12.93 -17.58
N TYR A 217 -6.06 14.10 -17.24
CA TYR A 217 -6.77 15.08 -16.44
C TYR A 217 -8.10 15.51 -17.05
N SER A 218 -8.18 15.51 -18.38
CA SER A 218 -9.42 15.86 -19.07
C SER A 218 -10.55 14.86 -18.83
N LYS A 219 -10.21 13.69 -18.28
CA LYS A 219 -11.21 12.66 -18.01
C LYS A 219 -11.50 12.53 -16.52
N ARG A 220 -11.06 13.50 -15.73
CA ARG A 220 -11.25 13.44 -14.28
C ARG A 220 -12.72 13.45 -13.88
N TYR A 221 -13.03 12.75 -12.79
CA TYR A 221 -14.36 12.75 -12.21
C TYR A 221 -14.51 13.94 -11.26
N THR A 222 -15.64 14.64 -11.36
CA THR A 222 -15.83 15.81 -10.50
C THR A 222 -17.12 15.74 -9.70
N GLY A 223 -17.74 14.57 -9.65
CA GLY A 223 -18.93 14.37 -8.85
C GLY A 223 -18.57 14.11 -7.40
N THR A 224 -19.56 13.66 -6.61
CA THR A 224 -19.39 13.56 -5.17
C THR A 224 -19.17 12.14 -4.63
N GLN A 225 -19.41 11.13 -5.48
N GLN A 225 -19.41 11.14 -5.46
CA GLN A 225 -19.19 9.74 -5.09
CA GLN A 225 -19.22 9.75 -5.02
C GLN A 225 -17.74 9.53 -4.68
C GLN A 225 -17.76 9.51 -4.68
N ASP A 226 -17.51 8.58 -3.76
CA ASP A 226 -16.16 8.16 -3.42
C ASP A 226 -15.28 9.34 -2.97
N ASN A 227 -15.85 10.19 -2.13
CA ASN A 227 -15.15 11.38 -1.65
C ASN A 227 -14.63 12.24 -2.79
N GLY A 228 -15.44 12.40 -3.83
CA GLY A 228 -15.02 13.14 -5.01
C GLY A 228 -14.07 12.33 -5.89
N GLY A 229 -14.24 11.01 -5.89
CA GLY A 229 -13.50 10.14 -6.78
C GLY A 229 -12.07 9.81 -6.42
N VAL A 230 -11.77 9.70 -5.13
CA VAL A 230 -10.37 9.47 -4.74
C VAL A 230 -9.77 8.18 -5.28
N HIS A 231 -10.58 7.12 -5.43
CA HIS A 231 -10.12 5.85 -5.99
C HIS A 231 -10.25 5.77 -7.51
N ILE A 232 -10.73 6.86 -8.11
CA ILE A 232 -10.98 6.95 -9.54
C ILE A 232 -9.92 7.87 -10.14
N ASN A 233 -9.89 9.12 -9.68
CA ASN A 233 -8.90 10.09 -10.13
C ASN A 233 -7.46 9.74 -9.78
N SER A 234 -7.28 8.80 -8.86
CA SER A 234 -5.93 8.31 -8.59
C SER A 234 -5.28 7.74 -9.86
N GLY A 235 -6.10 7.29 -10.81
CA GLY A 235 -5.58 6.75 -12.05
C GLY A 235 -4.71 7.73 -12.83
N ILE A 236 -5.04 9.02 -12.72
CA ILE A 236 -4.29 10.04 -13.44
C ILE A 236 -2.85 10.14 -12.90
N ILE A 237 -2.73 10.09 -11.57
CA ILE A 237 -1.43 10.14 -10.93
C ILE A 237 -0.69 8.80 -11.01
N ASN A 238 -1.43 7.70 -10.86
CA ASN A 238 -0.86 6.38 -11.04
C ASN A 238 -0.22 6.23 -12.43
N LYS A 239 -0.94 6.70 -13.45
CA LYS A 239 -0.41 6.67 -14.80
C LYS A 239 0.86 7.49 -14.93
N ALA A 240 0.88 8.69 -14.34
CA ALA A 240 2.08 9.51 -14.39
C ALA A 240 3.26 8.80 -13.74
N ALA A 241 3.03 8.19 -12.58
CA ALA A 241 4.09 7.48 -11.87
C ALA A 241 4.61 6.30 -12.69
N TYR A 242 3.68 5.53 -13.26
CA TYR A 242 4.06 4.43 -14.12
C TYR A 242 4.94 4.91 -15.28
N LEU A 243 4.54 6.00 -15.91
CA LEU A 243 5.32 6.55 -17.02
C LEU A 243 6.71 7.01 -16.59
N ILE A 244 6.80 7.69 -15.45
CA ILE A 244 8.10 8.12 -14.93
C ILE A 244 9.04 6.92 -14.79
N SER A 245 8.53 5.83 -14.23
CA SER A 245 9.34 4.65 -14.00
C SER A 245 9.63 3.88 -15.30
N GLN A 246 8.58 3.57 -16.04
CA GLN A 246 8.68 2.61 -17.14
C GLN A 246 8.76 3.23 -18.52
N GLY A 247 8.44 4.52 -18.63
CA GLY A 247 8.39 5.18 -19.93
C GLY A 247 7.18 4.79 -20.75
N GLY A 248 7.02 5.45 -21.89
CA GLY A 248 5.96 5.12 -22.83
C GLY A 248 5.52 6.36 -23.59
N THR A 249 4.68 6.16 -24.59
CA THR A 249 4.07 7.28 -25.29
C THR A 249 2.57 7.23 -25.06
N HIS A 250 2.03 8.29 -24.49
CA HIS A 250 0.67 8.32 -23.99
C HIS A 250 0.01 9.60 -24.53
N TYR A 251 -1.09 9.43 -25.27
CA TYR A 251 -1.72 10.51 -26.02
C TYR A 251 -0.68 11.32 -26.81
N GLY A 252 0.27 10.61 -27.41
CA GLY A 252 1.26 11.22 -28.27
C GLY A 252 2.46 11.84 -27.56
N VAL A 253 2.47 11.82 -26.24
CA VAL A 253 3.56 12.41 -25.47
C VAL A 253 4.50 11.31 -25.00
N SER A 254 5.76 11.38 -25.42
CA SER A 254 6.74 10.35 -25.07
C SER A 254 7.45 10.65 -23.77
N VAL A 255 7.57 9.63 -22.93
CA VAL A 255 8.24 9.77 -21.63
C VAL A 255 9.40 8.79 -21.57
N VAL A 256 10.58 9.28 -21.19
CA VAL A 256 11.73 8.42 -21.00
C VAL A 256 11.73 7.86 -19.57
N GLY A 257 11.62 6.54 -19.42
CA GLY A 257 11.55 5.93 -18.11
C GLY A 257 12.86 6.04 -17.34
N ILE A 258 12.78 6.22 -16.02
CA ILE A 258 13.98 6.33 -15.20
C ILE A 258 14.09 5.22 -14.15
N GLY A 259 13.10 4.34 -14.12
CA GLY A 259 13.16 3.21 -13.21
C GLY A 259 12.43 3.40 -11.88
N ARG A 260 12.12 2.28 -11.23
CA ARG A 260 11.30 2.31 -10.03
CA ARG A 260 11.33 2.26 -10.01
C ARG A 260 12.01 2.93 -8.83
N ASP A 261 13.31 2.70 -8.69
CA ASP A 261 14.02 3.24 -7.53
C ASP A 261 13.98 4.76 -7.53
N LYS A 262 14.23 5.36 -8.68
CA LYS A 262 14.17 6.81 -8.79
C LYS A 262 12.75 7.37 -8.65
N LEU A 263 11.75 6.67 -9.19
CA LEU A 263 10.36 7.03 -8.95
C LEU A 263 10.10 7.09 -7.44
N GLY A 264 10.53 6.05 -6.72
CA GLY A 264 10.32 6.00 -5.28
C GLY A 264 11.01 7.12 -4.54
N LYS A 265 12.24 7.44 -4.92
CA LYS A 265 12.97 8.52 -4.27
C LYS A 265 12.28 9.85 -4.51
N ILE A 266 11.86 10.09 -5.75
CA ILE A 266 11.23 11.35 -6.10
C ILE A 266 9.89 11.52 -5.34
N PHE A 267 9.07 10.48 -5.36
CA PHE A 267 7.77 10.57 -4.71
C PHE A 267 7.87 10.56 -3.18
N TYR A 268 8.84 9.83 -2.62
CA TYR A 268 9.01 9.85 -1.17
C TYR A 268 9.42 11.26 -0.72
N ARG A 269 10.32 11.88 -1.46
CA ARG A 269 10.73 13.24 -1.13
C ARG A 269 9.57 14.22 -1.29
N ALA A 270 8.80 14.08 -2.37
CA ALA A 270 7.65 14.97 -2.55
C ALA A 270 6.68 14.83 -1.38
N LEU A 271 6.40 13.59 -1.00
CA LEU A 271 5.44 13.29 0.07
C LEU A 271 5.88 13.89 1.41
N THR A 272 7.17 13.81 1.69
CA THR A 272 7.68 14.17 3.01
C THR A 272 8.25 15.57 3.13
N GLN A 273 8.54 16.23 2.01
CA GLN A 273 9.16 17.56 2.05
CA GLN A 273 9.13 17.56 2.09
C GLN A 273 8.36 18.65 1.36
N TYR A 274 7.41 18.29 0.50
CA TYR A 274 6.76 19.31 -0.32
C TYR A 274 5.23 19.33 -0.30
N LEU A 275 4.60 18.16 -0.31
CA LEU A 275 3.15 18.10 -0.31
C LEU A 275 2.55 18.57 1.02
N THR A 276 1.35 19.13 0.95
CA THR A 276 0.65 19.62 2.13
C THR A 276 -0.75 19.03 2.13
N PRO A 277 -1.55 19.26 3.19
CA PRO A 277 -2.85 18.61 3.20
C PRO A 277 -3.75 19.00 2.03
N THR A 278 -3.56 20.19 1.46
CA THR A 278 -4.44 20.67 0.40
C THR A 278 -3.84 20.61 -1.01
N SER A 279 -2.71 19.95 -1.18
CA SER A 279 -2.08 19.88 -2.49
C SER A 279 -3.01 19.34 -3.58
N ASN A 280 -3.06 20.03 -4.70
CA ASN A 280 -3.78 19.54 -5.88
C ASN A 280 -2.81 18.92 -6.89
N PHE A 281 -3.32 18.46 -8.02
CA PHE A 281 -2.47 17.75 -8.98
C PHE A 281 -1.33 18.64 -9.52
N SER A 282 -1.64 19.90 -9.82
CA SER A 282 -0.65 20.84 -10.31
C SER A 282 0.46 21.03 -9.28
N GLN A 283 0.06 21.10 -8.01
CA GLN A 283 1.03 21.25 -6.94
C GLN A 283 1.86 19.99 -6.75
N LEU A 284 1.26 18.82 -6.99
CA LEU A 284 2.03 17.58 -6.99
C LEU A 284 3.10 17.60 -8.09
N ARG A 285 2.72 18.04 -9.29
CA ARG A 285 3.69 18.15 -10.37
C ARG A 285 4.87 18.99 -9.92
N ALA A 286 4.58 20.15 -9.34
CA ALA A 286 5.64 21.06 -8.89
C ALA A 286 6.51 20.41 -7.82
N ALA A 287 5.88 19.70 -6.89
CA ALA A 287 6.60 19.00 -5.83
C ALA A 287 7.52 17.91 -6.38
N ALA A 288 7.02 17.16 -7.35
CA ALA A 288 7.81 16.11 -7.98
C ALA A 288 8.99 16.69 -8.79
N VAL A 289 8.73 17.77 -9.51
CA VAL A 289 9.80 18.44 -10.26
C VAL A 289 10.87 18.96 -9.31
N GLN A 290 10.45 19.57 -8.21
CA GLN A 290 11.41 20.09 -7.25
C GLN A 290 12.19 18.95 -6.59
N SER A 291 11.51 17.87 -6.26
CA SER A 291 12.16 16.72 -5.62
C SER A 291 13.21 16.12 -6.53
N ALA A 292 12.86 15.93 -7.81
CA ALA A 292 13.82 15.42 -8.77
C ALA A 292 14.99 16.38 -8.99
N THR A 293 14.70 17.68 -8.91
CA THR A 293 15.75 18.69 -9.02
C THR A 293 16.72 18.56 -7.84
N ASP A 294 16.17 18.42 -6.63
CA ASP A 294 17.00 18.27 -5.43
C ASP A 294 17.91 17.06 -5.54
N LEU A 295 17.34 15.95 -6.01
CA LEU A 295 18.06 14.68 -6.03
C LEU A 295 19.03 14.51 -7.20
N TYR A 296 18.69 15.07 -8.36
CA TYR A 296 19.38 14.72 -9.59
C TYR A 296 19.90 15.93 -10.38
N GLY A 297 19.42 17.12 -10.05
CA GLY A 297 19.86 18.33 -10.71
C GLY A 297 18.87 18.84 -11.75
N SER A 298 18.83 20.15 -11.93
CA SER A 298 17.85 20.76 -12.83
C SER A 298 17.94 20.32 -14.29
N THR A 299 19.14 19.98 -14.74
CA THR A 299 19.34 19.60 -16.13
C THR A 299 19.27 18.09 -16.35
N SER A 300 18.87 17.37 -15.31
CA SER A 300 18.89 15.91 -15.36
C SER A 300 17.78 15.30 -16.22
N GLN A 301 18.02 14.08 -16.68
CA GLN A 301 16.98 13.29 -17.33
C GLN A 301 15.78 13.07 -16.41
N GLU A 302 16.06 12.88 -15.13
CA GLU A 302 15.02 12.59 -14.15
C GLU A 302 14.00 13.74 -14.09
N VAL A 303 14.49 14.97 -14.03
CA VAL A 303 13.60 16.12 -14.05
C VAL A 303 12.82 16.21 -15.37
N ALA A 304 13.50 16.00 -16.49
CA ALA A 304 12.83 16.05 -17.80
C ALA A 304 11.72 15.01 -17.88
N SER A 305 11.97 13.82 -17.35
CA SER A 305 11.00 12.73 -17.40
C SER A 305 9.78 12.99 -16.51
N VAL A 306 9.99 13.61 -15.35
CA VAL A 306 8.88 13.99 -14.50
C VAL A 306 7.96 14.95 -15.25
N LYS A 307 8.54 15.97 -15.90
CA LYS A 307 7.76 16.91 -16.69
C LYS A 307 6.99 16.24 -17.83
N GLN A 308 7.67 15.37 -18.56
CA GLN A 308 7.02 14.68 -19.67
CA GLN A 308 7.07 14.61 -19.66
C GLN A 308 5.85 13.82 -19.19
N ALA A 309 6.01 13.14 -18.06
CA ALA A 309 4.95 12.28 -17.54
C ALA A 309 3.72 13.07 -17.15
N PHE A 310 3.91 14.18 -16.44
CA PHE A 310 2.77 15.01 -16.09
C PHE A 310 2.16 15.66 -17.33
N ASP A 311 2.97 16.06 -18.30
CA ASP A 311 2.44 16.54 -19.58
C ASP A 311 1.54 15.49 -20.22
N ALA A 312 2.01 14.24 -20.22
CA ALA A 312 1.29 13.15 -20.85
C ALA A 312 -0.10 12.92 -20.25
N VAL A 313 -0.23 13.16 -18.95
CA VAL A 313 -1.54 13.00 -18.30
C VAL A 313 -2.29 14.32 -18.16
N GLY A 314 -1.81 15.38 -18.82
CA GLY A 314 -2.54 16.63 -18.88
C GLY A 314 -2.51 17.48 -17.63
N VAL A 315 -1.50 17.29 -16.78
CA VAL A 315 -1.34 18.06 -15.55
C VAL A 315 -0.21 19.06 -15.69
N LYS A 316 -0.55 20.35 -15.64
CA LYS A 316 0.44 21.42 -15.79
C LYS A 316 0.75 22.08 -14.46
ZN ZN B . -6.45 3.76 -0.02
CA CA C . 0.13 -5.72 -7.64
CA CA D . -1.56 -23.14 16.01
CA CA E . -9.31 -12.01 -10.07
CA CA F . 1.52 -9.18 -8.28
C1 GOL G . -7.73 5.20 4.13
O1 GOL G . -7.68 3.86 4.60
C2 GOL G . -8.22 6.13 5.24
O2 GOL G . -7.28 6.15 6.29
C3 GOL G . -8.44 7.55 4.75
O3 GOL G . -7.26 8.14 4.23
S DMS H . -15.01 2.80 5.24
O DMS H . -16.48 2.66 5.48
C1 DMS H . -14.13 2.06 6.63
C2 DMS H . -14.56 1.62 3.94
S DMS I . 14.69 10.47 12.14
O DMS I . 14.41 11.82 12.72
C1 DMS I . 16.46 10.41 11.74
C2 DMS I . 14.69 9.24 13.47
S DMS J . 8.94 -8.46 24.42
O DMS J . 9.03 -8.46 25.92
C1 DMS J . 8.55 -6.79 23.88
C2 DMS J . 10.63 -8.63 23.79
S DMS K . -12.31 -20.37 15.36
O DMS K . -13.69 -19.81 15.16
C1 DMS K . -11.70 -20.86 13.73
C2 DMS K . -11.18 -19.01 15.73
C1 GOL L . -18.31 -3.94 2.58
O1 GOL L . -18.27 -5.19 1.94
C2 GOL L . -17.50 -2.96 1.73
O2 GOL L . -18.28 -2.59 0.61
C3 GOL L . -17.11 -1.72 2.53
O3 GOL L . -16.41 -0.84 1.68
C7 2G7 M . -12.23 6.02 4.51
C6 2G7 M . -11.82 6.16 5.96
C1 2G7 M . -11.42 7.42 6.41
C2 2G7 M . -11.04 7.61 7.74
C3 2G7 M . -11.07 6.53 8.64
C4 2G7 M . -11.48 5.27 8.19
C5 2G7 M . -11.86 5.09 6.86
C9 2G7 M . -11.29 4.33 2.95
C9 2G7 M . -11.17 4.08 3.40
O10 2G7 M . -12.36 4.12 2.40
O10 2G7 M . -11.91 3.29 3.97
O8 2G7 M . -11.14 5.42 3.76
O8 2G7 M . -11.18 5.40 3.73
N11 2G7 M . -10.22 3.49 2.80
N11 2G7 M . -10.32 3.71 2.40
C12 2G7 M . -10.28 2.36 1.88
P13 2G7 M . -8.57 2.08 1.28
O14 2G7 M . -8.29 3.00 0.09
O15 2G7 M . -7.59 2.14 2.43
N16 2G7 M . -8.75 0.47 0.70
C17 2G7 M . -8.24 0.12 -0.66
C22 2G7 M . -9.19 0.52 -1.77
O23 2G7 M . -8.78 0.88 -2.88
C18 2G7 M . -8.05 -1.39 -0.68
C19 2G7 M . -7.46 -1.96 -1.97
C20 2G7 M . -5.97 -1.61 -2.06
C21 2G7 M . -7.65 -3.48 -2.03
C28 2G7 M . -12.07 -1.81 -2.50
C26 2G7 M . -12.64 -0.40 -2.44
C29 2G7 M . -13.61 -0.19 -3.61
C25 2G7 M . -11.58 0.71 -2.42
N24 2G7 M . -10.53 0.42 -1.46
#